data_8Z6D
#
_entry.id   8Z6D
#
_cell.length_a   51.170
_cell.length_b   69.360
_cell.length_c   112.440
_cell.angle_alpha   90.000
_cell.angle_beta   90.000
_cell.angle_gamma   90.000
#
_symmetry.space_group_name_H-M   'P 21 21 21'
#
loop_
_entity.id
_entity.type
_entity.pdbx_description
1 polymer 'TetR/AcrR family transcriptional regulator'
2 water water
#
_entity_poly.entity_id   1
_entity_poly.type   'polypeptide(L)'
_entity_poly.pdbx_seq_one_letter_code
;MGHHHHHHTKVISKRKTILDTALSLFKQYSFKFVGVDRIINESQVAKMTFYKHFPSKTLLIQACLCEEQKTIEESILNEL
SLLSEAGNIARLKALLNWHVAYINQQNFNGCLFQKAVYENEVSEEVLSVIQAHKQWKFKLVSDLMEVPECCTAFVSSSMV
YSMLEGMLLPANINPCVDHETAIKNLIQTFEA
;
_entity_poly.pdbx_strand_id   A,C
#
# COMPACT_ATOMS: atom_id res chain seq x y z
N SER A 13 14.68 -5.36 30.74
CA SER A 13 16.08 -5.29 30.33
C SER A 13 16.27 -5.95 28.96
N LYS A 14 15.88 -7.21 28.87
CA LYS A 14 15.90 -7.90 27.58
C LYS A 14 14.70 -7.51 26.72
N ARG A 15 13.94 -6.52 27.18
CA ARG A 15 12.80 -6.05 26.41
C ARG A 15 13.25 -5.55 25.04
N LYS A 16 14.37 -4.81 24.97
CA LYS A 16 14.78 -4.19 23.71
C LYS A 16 15.17 -5.23 22.68
N THR A 17 15.90 -6.27 23.09
CA THR A 17 16.27 -7.35 22.17
C THR A 17 15.04 -7.97 21.55
N ILE A 18 14.03 -8.26 22.40
CA ILE A 18 12.77 -8.84 21.92
C ILE A 18 12.12 -7.89 20.92
N LEU A 19 11.89 -6.64 21.33
CA LEU A 19 11.31 -5.63 20.47
C LEU A 19 12.03 -5.55 19.14
N ASP A 20 13.36 -5.37 19.18
CA ASP A 20 14.14 -5.21 17.96
C ASP A 20 14.10 -6.46 17.11
N THR A 21 14.06 -7.64 17.74
CA THR A 21 14.03 -8.88 16.98
C THR A 21 12.70 -9.06 16.30
N ALA A 22 11.61 -8.70 16.98
CA ALA A 22 10.29 -8.84 16.41
C ALA A 22 10.09 -7.83 15.28
N LEU A 23 10.55 -6.60 15.47
CA LEU A 23 10.50 -5.61 14.40
C LEU A 23 11.06 -6.17 13.10
N SER A 24 12.29 -6.71 13.14
CA SER A 24 12.90 -7.20 11.90
C SER A 24 12.06 -8.30 11.26
N LEU A 25 11.57 -9.23 12.08
CA LEU A 25 10.84 -10.38 11.55
C LEU A 25 9.50 -9.95 10.96
N PHE A 26 8.77 -9.08 11.66
CA PHE A 26 7.53 -8.51 11.12
C PHE A 26 7.81 -7.72 9.84
N LYS A 27 8.86 -6.91 9.82
CA LYS A 27 9.17 -6.19 8.60
C LYS A 27 9.56 -7.14 7.48
N GLN A 28 10.39 -8.14 7.81
CA GLN A 28 10.90 -9.08 6.80
C GLN A 28 9.81 -9.95 6.19
N TYR A 29 8.85 -10.39 7.02
CA TYR A 29 7.83 -11.32 6.56
C TYR A 29 6.49 -10.64 6.73
N SER A 30 5.74 -10.96 7.79
CA SER A 30 4.49 -10.27 8.10
C SER A 30 4.16 -10.54 9.55
N PHE A 31 3.14 -9.84 10.07
CA PHE A 31 2.74 -10.06 11.46
C PHE A 31 2.17 -11.48 11.66
N LYS A 32 1.22 -11.89 10.83
CA LYS A 32 0.59 -13.19 11.01
C LYS A 32 1.53 -14.35 10.68
N PHE A 33 2.59 -14.08 9.92
CA PHE A 33 3.45 -15.15 9.45
C PHE A 33 4.46 -15.55 10.51
N VAL A 34 4.91 -14.64 11.37
CA VAL A 34 5.87 -14.99 12.40
C VAL A 34 5.14 -15.07 13.74
N GLY A 35 5.13 -16.28 14.32
CA GLY A 35 4.50 -16.52 15.61
C GLY A 35 5.44 -16.21 16.76
N VAL A 36 4.86 -16.22 17.97
CA VAL A 36 5.62 -15.88 19.16
C VAL A 36 6.79 -16.84 19.37
N ASP A 37 6.62 -18.12 19.03
CA ASP A 37 7.69 -19.09 19.25
C ASP A 37 8.95 -18.75 18.45
N ARG A 38 8.79 -18.21 17.24
CA ARG A 38 9.93 -17.79 16.44
C ARG A 38 10.61 -16.56 17.03
N ILE A 39 9.83 -15.60 17.54
CA ILE A 39 10.42 -14.44 18.17
C ILE A 39 11.16 -14.83 19.43
N ILE A 40 10.66 -15.84 20.16
CA ILE A 40 11.28 -16.28 21.41
C ILE A 40 12.72 -16.72 21.16
N ASN A 41 12.89 -17.73 20.30
CA ASN A 41 14.23 -18.27 20.06
C ASN A 41 15.15 -17.19 19.54
N GLU A 42 14.73 -16.49 18.47
CA GLU A 42 15.61 -15.54 17.80
C GLU A 42 16.05 -14.41 18.74
N SER A 43 15.23 -14.06 19.72
CA SER A 43 15.64 -13.12 20.78
C SER A 43 16.54 -13.75 21.82
N GLN A 44 16.60 -15.08 21.87
CA GLN A 44 17.42 -15.81 22.83
C GLN A 44 17.02 -15.48 24.27
N VAL A 45 15.71 -15.55 24.52
CA VAL A 45 15.13 -15.34 25.84
C VAL A 45 14.31 -16.56 26.22
N ALA A 46 14.09 -16.71 27.53
CA ALA A 46 13.17 -17.73 28.03
C ALA A 46 11.73 -17.26 27.85
N LYS A 47 10.85 -18.21 27.52
CA LYS A 47 9.43 -17.95 27.31
C LYS A 47 8.87 -17.01 28.38
N MET A 48 9.23 -17.28 29.64
CA MET A 48 8.73 -16.48 30.75
C MET A 48 9.19 -15.04 30.65
N THR A 49 10.43 -14.81 30.17
CA THR A 49 10.95 -13.46 30.07
C THR A 49 10.21 -12.68 28.98
N PHE A 50 9.94 -13.32 27.85
CA PHE A 50 9.13 -12.71 26.81
C PHE A 50 7.83 -12.18 27.38
N TYR A 51 7.08 -13.02 28.09
CA TYR A 51 5.76 -12.60 28.49
C TYR A 51 5.79 -11.61 29.65
N LYS A 52 6.89 -11.57 30.40
CA LYS A 52 7.00 -10.52 31.41
C LYS A 52 6.89 -9.15 30.74
N HIS A 53 7.63 -8.95 29.65
CA HIS A 53 7.59 -7.66 28.96
C HIS A 53 6.43 -7.55 27.99
N PHE A 54 6.01 -8.65 27.38
CA PHE A 54 4.97 -8.61 26.35
C PHE A 54 3.94 -9.69 26.65
N PRO A 55 2.95 -9.37 27.49
CA PRO A 55 1.98 -10.41 27.92
C PRO A 55 1.18 -11.04 26.79
N SER A 56 1.18 -10.46 25.59
CA SER A 56 0.43 -10.98 24.44
C SER A 56 1.11 -10.52 23.18
N LYS A 57 0.82 -11.23 22.07
CA LYS A 57 1.40 -10.85 20.78
C LYS A 57 0.88 -9.49 20.32
N THR A 58 -0.39 -9.20 20.58
CA THR A 58 -0.95 -7.88 20.23
C THR A 58 -0.21 -6.75 20.95
N LEU A 59 0.16 -6.96 22.21
CA LEU A 59 0.91 -5.94 22.93
C LEU A 59 2.30 -5.73 22.33
N LEU A 60 2.99 -6.82 21.94
CA LEU A 60 4.26 -6.65 21.22
C LEU A 60 4.05 -5.94 19.88
N ILE A 61 2.99 -6.31 19.15
CA ILE A 61 2.71 -5.63 17.88
C ILE A 61 2.47 -4.13 18.13
N GLN A 62 1.71 -3.80 19.17
CA GLN A 62 1.51 -2.39 19.53
C GLN A 62 2.84 -1.67 19.79
N ALA A 63 3.71 -2.28 20.59
CA ALA A 63 5.01 -1.68 20.86
C ALA A 63 5.89 -1.63 19.61
N CYS A 64 5.76 -2.61 18.72
CA CYS A 64 6.53 -2.57 17.48
C CYS A 64 6.13 -1.39 16.62
N LEU A 65 4.81 -1.10 16.55
CA LEU A 65 4.35 0.04 15.77
C LEU A 65 4.69 1.36 16.44
N CYS A 66 4.62 1.44 17.77
CA CYS A 66 5.06 2.64 18.47
C CYS A 66 6.52 2.93 18.21
N GLU A 67 7.33 1.87 18.12
CA GLU A 67 8.75 2.07 17.91
C GLU A 67 9.03 2.54 16.50
N GLU A 68 8.31 1.97 15.53
CA GLU A 68 8.46 2.38 14.15
C GLU A 68 8.02 3.83 13.97
N GLN A 69 6.95 4.25 14.64
CA GLN A 69 6.57 5.66 14.60
C GLN A 69 7.66 6.54 15.20
N LYS A 70 8.17 6.20 16.39
CA LYS A 70 9.19 7.03 17.02
C LYS A 70 10.44 7.15 16.14
N THR A 71 10.86 6.05 15.52
CA THR A 71 12.09 6.10 14.73
C THR A 71 11.89 6.88 13.43
N ILE A 72 10.75 6.71 12.76
CA ILE A 72 10.50 7.44 11.51
C ILE A 72 10.38 8.95 11.78
N GLU A 73 9.54 9.34 12.74
CA GLU A 73 9.29 10.75 13.01
C GLU A 73 10.53 11.46 13.51
N GLU A 74 11.32 10.79 14.35
CA GLU A 74 12.54 11.41 14.85
C GLU A 74 13.56 11.58 13.71
N SER A 75 13.60 10.60 12.79
CA SER A 75 14.54 10.64 11.69
C SER A 75 14.21 11.78 10.73
N ILE A 76 12.95 11.88 10.31
CA ILE A 76 12.51 12.96 9.43
C ILE A 76 12.75 14.30 10.11
N LEU A 77 12.18 14.49 11.30
CA LEU A 77 12.25 15.77 12.00
C LEU A 77 13.67 16.22 12.25
N ASN A 78 14.58 15.27 12.51
CA ASN A 78 15.96 15.66 12.77
C ASN A 78 16.63 16.20 11.51
N GLU A 79 16.36 15.59 10.35
CA GLU A 79 16.88 16.13 9.10
C GLU A 79 16.34 17.53 8.84
N LEU A 80 15.05 17.74 9.10
CA LEU A 80 14.46 19.04 8.79
C LEU A 80 15.01 20.13 9.71
N SER A 81 15.21 19.82 11.00
CA SER A 81 15.77 20.82 11.92
C SER A 81 17.22 21.16 11.60
N LEU A 82 17.90 20.31 10.82
CA LEU A 82 19.19 20.69 10.26
C LEU A 82 19.05 21.67 9.10
N LEU A 83 17.81 21.95 8.66
CA LEU A 83 17.52 22.89 7.58
C LEU A 83 16.48 23.93 8.00
N SER A 84 16.45 24.31 9.28
CA SER A 84 15.59 25.42 9.69
C SER A 84 16.07 26.74 9.09
N GLU A 85 17.38 26.88 8.88
CA GLU A 85 17.95 28.04 8.21
C GLU A 85 18.15 27.82 6.71
N ALA A 86 17.37 26.91 6.09
CA ALA A 86 17.58 26.58 4.68
C ALA A 86 16.47 27.05 3.74
N GLY A 87 15.37 27.58 4.25
CA GLY A 87 14.24 27.89 3.40
C GLY A 87 13.33 26.68 3.23
N ASN A 88 12.20 26.93 2.57
CA ASN A 88 11.13 25.95 2.60
C ASN A 88 11.21 24.93 1.48
N ILE A 89 11.79 25.27 0.33
CA ILE A 89 11.97 24.24 -0.69
C ILE A 89 13.00 23.22 -0.22
N ALA A 90 14.09 23.70 0.41
CA ALA A 90 15.12 22.79 0.90
C ALA A 90 14.54 21.77 1.87
N ARG A 91 13.60 22.18 2.71
CA ARG A 91 13.05 21.26 3.70
C ARG A 91 12.10 20.26 3.04
N LEU A 92 11.34 20.72 2.05
CA LEU A 92 10.47 19.81 1.32
C LEU A 92 11.30 18.79 0.55
N LYS A 93 12.38 19.25 -0.09
CA LYS A 93 13.31 18.37 -0.76
C LYS A 93 13.80 17.27 0.17
N ALA A 94 14.20 17.64 1.39
CA ALA A 94 14.73 16.67 2.34
C ALA A 94 13.69 15.62 2.71
N LEU A 95 12.43 16.01 2.83
CA LEU A 95 11.39 15.02 3.11
C LEU A 95 11.28 14.04 1.95
N LEU A 96 11.42 14.55 0.73
CA LEU A 96 11.32 13.70 -0.46
C LEU A 96 12.51 12.75 -0.55
N ASN A 97 13.73 13.31 -0.45
CA ASN A 97 14.94 12.49 -0.46
C ASN A 97 14.92 11.41 0.60
N TRP A 98 14.48 11.75 1.81
CA TRP A 98 14.39 10.78 2.90
C TRP A 98 13.64 9.52 2.47
N HIS A 99 12.61 9.67 1.64
CA HIS A 99 11.87 8.53 1.10
C HIS A 99 12.72 7.72 0.14
N VAL A 100 13.54 8.39 -0.68
CA VAL A 100 14.50 7.70 -1.54
C VAL A 100 15.39 6.78 -0.72
N ALA A 101 15.99 7.32 0.35
CA ALA A 101 16.85 6.51 1.20
C ALA A 101 16.08 5.40 1.88
N TYR A 102 14.82 5.64 2.20
CA TYR A 102 14.03 4.63 2.92
C TYR A 102 13.72 3.42 2.05
N ILE A 103 13.32 3.62 0.79
CA ILE A 103 13.00 2.49 -0.06
C ILE A 103 14.24 1.86 -0.67
N ASN A 104 15.39 2.52 -0.61
CA ASN A 104 16.60 1.91 -1.12
C ASN A 104 17.38 1.17 -0.05
N GLN A 105 17.01 1.32 1.22
CA GLN A 105 17.70 0.63 2.30
C GLN A 105 17.50 -0.88 2.17
N GLN A 106 18.46 -1.64 2.69
CA GLN A 106 18.57 -3.06 2.33
C GLN A 106 17.36 -3.86 2.78
N ASN A 107 16.83 -3.57 3.96
CA ASN A 107 15.76 -4.35 4.53
C ASN A 107 14.37 -3.83 4.16
N PHE A 108 14.27 -2.87 3.25
CA PHE A 108 12.97 -2.29 2.94
C PHE A 108 12.02 -3.36 2.39
N ASN A 109 10.89 -3.54 3.06
CA ASN A 109 9.87 -4.46 2.58
C ASN A 109 8.49 -3.83 2.73
N GLY A 110 8.40 -2.53 2.44
CA GLY A 110 7.14 -1.82 2.51
C GLY A 110 6.97 -1.03 3.80
N CYS A 111 5.77 -0.47 3.95
CA CYS A 111 5.40 0.30 5.14
C CYS A 111 4.75 -0.62 6.18
N LEU A 112 5.30 -0.63 7.39
CA LEU A 112 4.77 -1.50 8.45
C LEU A 112 3.37 -1.10 8.89
N PHE A 113 2.98 0.16 8.70
CA PHE A 113 1.64 0.57 9.10
C PHE A 113 0.60 0.14 8.08
N GLN A 114 0.93 0.26 6.79
CA GLN A 114 0.09 -0.31 5.76
C GLN A 114 -0.02 -1.83 5.93
N LYS A 115 1.09 -2.47 6.28
CA LYS A 115 1.05 -3.92 6.49
C LYS A 115 0.07 -4.29 7.60
N ALA A 116 0.06 -3.54 8.70
CA ALA A 116 -0.82 -3.89 9.81
C ALA A 116 -2.29 -3.77 9.41
N VAL A 117 -2.63 -2.77 8.60
CA VAL A 117 -4.04 -2.64 8.24
C VAL A 117 -4.44 -3.72 7.23
N TYR A 118 -3.53 -4.10 6.31
CA TYR A 118 -3.88 -5.13 5.34
C TYR A 118 -4.01 -6.50 6.01
N GLU A 119 -3.24 -6.75 7.06
CA GLU A 119 -3.32 -7.96 7.87
C GLU A 119 -4.39 -7.89 8.94
N ASN A 120 -5.10 -6.77 9.05
CA ASN A 120 -6.17 -6.63 10.02
C ASN A 120 -5.67 -6.75 11.46
N GLU A 121 -4.41 -6.34 11.67
CA GLU A 121 -3.88 -6.03 13.00
C GLU A 121 -4.42 -4.65 13.40
N VAL A 122 -5.66 -4.63 13.88
CA VAL A 122 -6.31 -3.34 14.06
C VAL A 122 -7.06 -3.29 15.38
N SER A 123 -6.59 -3.99 16.40
CA SER A 123 -7.10 -3.71 17.73
C SER A 123 -6.96 -2.21 18.02
N GLU A 124 -7.85 -1.70 18.87
CA GLU A 124 -8.05 -0.24 18.97
C GLU A 124 -6.76 0.48 19.31
N GLU A 125 -5.95 -0.08 20.20
CA GLU A 125 -4.75 0.62 20.63
C GLU A 125 -3.71 0.61 19.52
N VAL A 126 -3.74 -0.39 18.65
CA VAL A 126 -2.84 -0.45 17.51
C VAL A 126 -3.30 0.51 16.42
N LEU A 127 -4.61 0.52 16.13
CA LEU A 127 -5.12 1.42 15.12
C LEU A 127 -4.82 2.88 15.45
N SER A 128 -4.94 3.27 16.73
CA SER A 128 -4.74 4.69 17.06
C SER A 128 -3.31 5.11 16.80
N VAL A 129 -2.34 4.23 17.07
CA VAL A 129 -0.95 4.47 16.72
C VAL A 129 -0.80 4.65 15.21
N ILE A 130 -1.35 3.73 14.44
CA ILE A 130 -1.27 3.82 12.97
C ILE A 130 -1.85 5.14 12.49
N GLN A 131 -3.06 5.47 12.92
CA GLN A 131 -3.74 6.64 12.40
C GLN A 131 -3.06 7.92 12.85
N ALA A 132 -2.65 7.97 14.13
CA ALA A 132 -1.89 9.11 14.63
C ALA A 132 -0.60 9.31 13.83
N HIS A 133 0.09 8.23 13.47
CA HIS A 133 1.34 8.43 12.73
C HIS A 133 1.06 8.92 11.33
N LYS A 134 0.10 8.32 10.63
CA LYS A 134 -0.19 8.79 9.29
C LYS A 134 -0.85 10.18 9.31
N GLN A 135 -1.58 10.51 10.37
CA GLN A 135 -2.10 11.87 10.45
C GLN A 135 -0.97 12.86 10.67
N TRP A 136 0.10 12.42 11.34
CA TRP A 136 1.27 13.28 11.55
C TRP A 136 1.97 13.55 10.22
N LYS A 137 2.15 12.49 9.41
CA LYS A 137 2.84 12.62 8.14
C LYS A 137 2.03 13.43 7.13
N PHE A 138 0.69 13.29 7.14
CA PHE A 138 -0.17 14.14 6.31
C PHE A 138 -0.01 15.61 6.68
N LYS A 139 -0.10 15.91 7.98
CA LYS A 139 0.12 17.27 8.47
C LYS A 139 1.49 17.79 8.07
N LEU A 140 2.53 16.97 8.21
CA LEU A 140 3.89 17.41 7.89
C LEU A 140 4.02 17.73 6.41
N VAL A 141 3.51 16.86 5.56
CA VAL A 141 3.51 17.13 4.13
C VAL A 141 2.77 18.44 3.85
N SER A 142 1.60 18.60 4.47
CA SER A 142 0.79 19.78 4.21
C SER A 142 1.53 21.06 4.65
N ASP A 143 2.15 21.03 5.83
CA ASP A 143 2.91 22.19 6.30
C ASP A 143 4.12 22.49 5.43
N LEU A 144 4.73 21.47 4.83
CA LEU A 144 5.91 21.71 4.00
C LEU A 144 5.55 22.30 2.65
N MET A 145 4.32 22.09 2.17
CA MET A 145 3.87 22.58 0.87
C MET A 145 3.12 23.90 0.94
N GLU A 146 2.52 24.22 2.09
CA GLU A 146 1.79 25.47 2.29
C GLU A 146 2.79 26.58 2.65
N VAL A 147 3.69 26.79 1.71
CA VAL A 147 4.67 27.87 1.75
C VAL A 147 4.47 28.67 0.48
N PRO A 148 4.86 29.96 0.48
CA PRO A 148 4.69 30.76 -0.74
C PRO A 148 5.50 30.21 -1.91
N GLU A 149 6.68 29.66 -1.64
CA GLU A 149 7.57 29.19 -2.71
C GLU A 149 7.04 27.96 -3.43
N CYS A 150 5.94 27.36 -2.95
CA CYS A 150 5.33 26.20 -3.56
C CYS A 150 3.97 26.53 -4.15
N CYS A 151 3.53 25.68 -5.09
CA CYS A 151 2.26 25.86 -5.80
C CYS A 151 1.14 25.01 -5.18
N PHE A 154 -0.67 23.95 -8.35
CA PHE A 154 -0.24 22.91 -9.30
C PHE A 154 -0.42 21.52 -8.71
N VAL A 155 0.54 21.09 -7.89
CA VAL A 155 0.52 19.79 -7.24
C VAL A 155 0.12 19.98 -5.79
N SER A 156 -0.91 19.26 -5.34
CA SER A 156 -1.46 19.44 -3.99
C SER A 156 -0.80 18.49 -2.98
N SER A 157 -0.94 18.85 -1.70
CA SER A 157 -0.29 18.08 -0.65
C SER A 157 -0.98 16.73 -0.42
N SER A 158 -2.32 16.69 -0.52
CA SER A 158 -2.99 15.40 -0.49
C SER A 158 -2.51 14.49 -1.61
N MET A 159 -2.16 15.08 -2.76
CA MET A 159 -1.60 14.31 -3.87
C MET A 159 -0.23 13.78 -3.53
N VAL A 160 0.64 14.65 -3.02
CA VAL A 160 2.01 14.26 -2.71
C VAL A 160 2.02 13.21 -1.61
N TYR A 161 1.15 13.39 -0.61
CA TYR A 161 1.03 12.41 0.47
C TYR A 161 0.70 11.02 -0.07
N SER A 162 -0.37 10.91 -0.84
CA SER A 162 -0.74 9.60 -1.38
C SER A 162 0.33 9.05 -2.31
N MET A 163 1.02 9.90 -3.09
CA MET A 163 2.12 9.41 -3.93
C MET A 163 3.23 8.79 -3.08
N LEU A 164 3.64 9.48 -2.01
CA LEU A 164 4.63 8.93 -1.09
C LEU A 164 4.14 7.65 -0.43
N GLU A 165 2.86 7.61 -0.04
CA GLU A 165 2.32 6.37 0.50
C GLU A 165 2.38 5.23 -0.52
N GLY A 166 2.08 5.53 -1.79
CA GLY A 166 2.17 4.50 -2.82
C GLY A 166 3.60 4.10 -3.16
N MET A 167 4.54 5.02 -2.98
CA MET A 167 5.95 4.71 -3.09
C MET A 167 6.49 3.88 -1.94
N LEU A 168 5.72 3.66 -0.89
CA LEU A 168 6.18 2.81 0.21
C LEU A 168 5.71 1.36 0.06
N LEU A 169 5.07 1.02 -1.04
CA LEU A 169 4.64 -0.35 -1.27
C LEU A 169 5.86 -1.25 -1.46
N PRO A 170 5.76 -2.52 -1.08
CA PRO A 170 6.89 -3.44 -1.30
C PRO A 170 7.27 -3.46 -2.76
N ALA A 171 8.59 -3.46 -3.04
CA ALA A 171 9.02 -3.51 -4.43
C ALA A 171 8.41 -4.71 -5.15
N ASN A 172 8.09 -5.77 -4.40
CA ASN A 172 7.57 -7.00 -4.98
C ASN A 172 6.28 -6.81 -5.75
N ILE A 173 5.51 -5.77 -5.45
CA ILE A 173 4.27 -5.55 -6.20
C ILE A 173 4.54 -5.16 -7.64
N ASN A 174 5.67 -4.47 -7.91
CA ASN A 174 5.95 -3.91 -9.24
C ASN A 174 7.41 -3.47 -9.32
N PRO A 175 8.36 -4.40 -9.31
CA PRO A 175 9.76 -4.01 -9.09
C PRO A 175 10.38 -3.24 -10.25
N CYS A 176 9.74 -3.17 -11.41
CA CYS A 176 10.30 -2.34 -12.48
C CYS A 176 10.10 -0.85 -12.24
N VAL A 177 9.18 -0.46 -11.35
CA VAL A 177 8.96 0.95 -11.04
C VAL A 177 10.13 1.48 -10.23
N ASP A 178 10.83 2.49 -10.75
CA ASP A 178 11.90 3.17 -10.04
C ASP A 178 11.31 4.44 -9.43
N HIS A 179 11.01 4.39 -8.13
CA HIS A 179 10.42 5.55 -7.48
C HIS A 179 11.44 6.66 -7.33
N GLU A 180 12.73 6.31 -7.19
CA GLU A 180 13.74 7.36 -7.04
C GLU A 180 13.78 8.27 -8.27
N THR A 181 13.52 7.71 -9.44
CA THR A 181 13.55 8.51 -10.67
C THR A 181 12.35 9.46 -10.72
N ALA A 182 11.18 8.97 -10.30
CA ALA A 182 10.03 9.86 -10.20
C ALA A 182 10.29 10.98 -9.21
N ILE A 183 10.89 10.65 -8.05
CA ILE A 183 11.11 11.65 -7.00
C ILE A 183 12.12 12.69 -7.46
N LYS A 184 13.24 12.25 -8.05
CA LYS A 184 14.23 13.20 -8.56
C LYS A 184 13.56 14.17 -9.56
N ASN A 185 12.62 13.66 -10.36
CA ASN A 185 11.94 14.52 -11.34
C ASN A 185 11.03 15.53 -10.65
N LEU A 186 10.31 15.13 -9.61
CA LEU A 186 9.42 16.07 -8.93
C LEU A 186 10.21 17.12 -8.14
N ILE A 187 11.41 16.76 -7.66
CA ILE A 187 12.25 17.75 -6.98
C ILE A 187 12.60 18.89 -7.93
N GLN A 188 12.82 18.59 -9.21
CA GLN A 188 13.19 19.64 -10.16
C GLN A 188 12.02 20.57 -10.45
N THR A 189 10.78 20.09 -10.33
CA THR A 189 9.62 20.96 -10.51
C THR A 189 9.55 22.00 -9.38
N PHE A 190 9.71 21.55 -8.13
CA PHE A 190 9.73 22.51 -7.03
C PHE A 190 10.86 23.51 -7.17
N GLU A 191 11.93 23.13 -7.87
CA GLU A 191 13.08 24.00 -8.06
C GLU A 191 13.02 24.78 -9.35
N ALA A 192 11.81 25.05 -9.86
CA ALA A 192 11.68 25.82 -11.08
C ALA A 192 11.51 27.31 -10.77
N SER B 13 -17.88 -24.20 -14.01
CA SER B 13 -18.81 -23.57 -13.08
C SER B 13 -18.49 -24.04 -11.65
N LYS B 14 -18.13 -25.32 -11.52
CA LYS B 14 -17.60 -25.81 -10.25
C LYS B 14 -16.34 -25.04 -9.85
N ARG B 15 -15.35 -24.97 -10.75
CA ARG B 15 -14.17 -24.18 -10.51
C ARG B 15 -14.50 -22.71 -10.27
N LYS B 16 -15.54 -22.20 -10.93
CA LYS B 16 -15.86 -20.79 -10.77
C LYS B 16 -16.64 -20.52 -9.49
N THR B 17 -17.41 -21.50 -9.01
CA THR B 17 -18.06 -21.33 -7.71
C THR B 17 -17.04 -21.21 -6.60
N ILE B 18 -15.94 -21.97 -6.69
CA ILE B 18 -14.89 -21.88 -5.69
C ILE B 18 -14.20 -20.53 -5.76
N LEU B 19 -13.89 -20.07 -6.97
CA LEU B 19 -13.25 -18.77 -7.16
C LEU B 19 -14.02 -17.66 -6.48
N ASP B 20 -15.30 -17.51 -6.82
CA ASP B 20 -16.08 -16.40 -6.29
C ASP B 20 -16.18 -16.47 -4.77
N THR B 21 -16.25 -17.69 -4.23
CA THR B 21 -16.32 -17.83 -2.77
C THR B 21 -15.01 -17.44 -2.11
N ALA B 22 -13.89 -17.98 -2.61
CA ALA B 22 -12.58 -17.65 -2.03
C ALA B 22 -12.27 -16.17 -2.21
N LEU B 23 -12.42 -15.67 -3.44
CA LEU B 23 -12.07 -14.29 -3.76
C LEU B 23 -12.84 -13.32 -2.88
N SER B 24 -14.13 -13.57 -2.69
CA SER B 24 -14.92 -12.71 -1.81
C SER B 24 -14.45 -12.81 -0.37
N LEU B 25 -14.14 -14.02 0.10
CA LEU B 25 -13.74 -14.19 1.49
C LEU B 25 -12.37 -13.56 1.75
N PHE B 26 -11.45 -13.66 0.79
CA PHE B 26 -10.12 -13.07 0.97
C PHE B 26 -10.17 -11.54 1.06
N LYS B 27 -11.06 -10.91 0.29
CA LYS B 27 -11.17 -9.46 0.36
C LYS B 27 -11.81 -9.02 1.67
N GLN B 28 -12.90 -9.68 2.05
CA GLN B 28 -13.58 -9.34 3.31
C GLN B 28 -12.62 -9.45 4.49
N TYR B 29 -11.85 -10.54 4.54
CA TYR B 29 -10.91 -10.75 5.63
C TYR B 29 -9.47 -10.59 5.15
N SER B 30 -8.74 -11.70 5.08
CA SER B 30 -7.37 -11.71 4.59
C SER B 30 -7.03 -13.11 4.09
N PHE B 31 -6.03 -13.18 3.21
CA PHE B 31 -5.60 -14.45 2.66
C PHE B 31 -5.23 -15.42 3.77
N LYS B 32 -4.47 -14.95 4.76
CA LYS B 32 -4.06 -15.81 5.85
C LYS B 32 -5.26 -16.20 6.73
N PHE B 33 -6.19 -15.27 6.93
CA PHE B 33 -7.29 -15.50 7.85
C PHE B 33 -8.29 -16.52 7.34
N VAL B 34 -8.36 -16.73 6.03
CA VAL B 34 -9.34 -17.62 5.42
C VAL B 34 -8.65 -18.92 5.08
N GLY B 35 -9.11 -20.03 5.69
CA GLY B 35 -8.52 -21.33 5.46
C GLY B 35 -9.21 -22.10 4.34
N VAL B 36 -8.45 -23.03 3.76
CA VAL B 36 -8.96 -23.78 2.61
C VAL B 36 -10.25 -24.48 2.98
N ASP B 37 -10.33 -24.99 4.21
CA ASP B 37 -11.51 -25.73 4.62
C ASP B 37 -12.73 -24.82 4.76
N ARG B 38 -12.53 -23.57 5.20
CA ARG B 38 -13.64 -22.63 5.21
C ARG B 38 -14.17 -22.40 3.79
N ILE B 39 -13.26 -22.27 2.83
CA ILE B 39 -13.65 -22.10 1.42
C ILE B 39 -14.43 -23.32 0.94
N ILE B 40 -14.02 -24.53 1.37
CA ILE B 40 -14.73 -25.74 0.97
C ILE B 40 -16.19 -25.70 1.42
N ASN B 41 -16.40 -25.28 2.67
CA ASN B 41 -17.75 -25.32 3.26
C ASN B 41 -18.68 -24.34 2.57
N GLU B 42 -18.28 -23.07 2.50
CA GLU B 42 -19.18 -22.03 1.99
C GLU B 42 -19.45 -22.18 0.49
N SER B 43 -18.61 -22.92 -0.22
CA SER B 43 -18.84 -23.19 -1.63
C SER B 43 -19.71 -24.42 -1.88
N GLN B 44 -19.85 -25.29 -0.88
CA GLN B 44 -20.61 -26.54 -1.00
C GLN B 44 -20.10 -27.37 -2.17
N VAL B 45 -18.78 -27.44 -2.30
CA VAL B 45 -18.13 -28.21 -3.35
C VAL B 45 -17.40 -29.38 -2.71
N ALA B 46 -17.52 -30.55 -3.36
CA ALA B 46 -16.78 -31.73 -2.92
C ALA B 46 -15.31 -31.38 -2.76
N LYS B 47 -14.73 -31.80 -1.63
CA LYS B 47 -13.34 -31.46 -1.33
C LYS B 47 -12.40 -31.98 -2.40
N MET B 48 -12.73 -33.11 -3.03
CA MET B 48 -11.90 -33.67 -4.09
C MET B 48 -11.98 -32.82 -5.36
N THR B 49 -13.15 -32.26 -5.66
CA THR B 49 -13.27 -31.40 -6.83
C THR B 49 -12.56 -30.08 -6.60
N PHE B 50 -12.47 -29.64 -5.34
CA PHE B 50 -11.64 -28.48 -5.03
C PHE B 50 -10.18 -28.77 -5.33
N TYR B 51 -9.69 -29.92 -4.87
CA TYR B 51 -8.27 -30.24 -5.01
C TYR B 51 -7.90 -30.66 -6.43
N LYS B 52 -8.88 -31.06 -7.25
CA LYS B 52 -8.60 -31.24 -8.67
C LYS B 52 -8.38 -29.90 -9.35
N HIS B 53 -9.09 -28.87 -8.92
CA HIS B 53 -8.90 -27.55 -9.52
C HIS B 53 -7.76 -26.78 -8.86
N PHE B 54 -7.60 -26.92 -7.54
CA PHE B 54 -6.60 -26.17 -6.79
C PHE B 54 -5.93 -27.09 -5.77
N PRO B 55 -4.82 -27.72 -6.15
CA PRO B 55 -4.15 -28.65 -5.22
C PRO B 55 -3.51 -27.96 -4.02
N SER B 56 -3.35 -26.63 -4.05
CA SER B 56 -2.77 -25.92 -2.93
C SER B 56 -3.43 -24.55 -2.80
N LYS B 57 -3.46 -24.04 -1.57
CA LYS B 57 -3.98 -22.70 -1.34
C LYS B 57 -3.26 -21.66 -2.18
N THR B 58 -1.98 -21.90 -2.48
CA THR B 58 -1.22 -20.93 -3.28
C THR B 58 -1.75 -20.87 -4.71
N LEU B 59 -1.98 -22.03 -5.32
CA LEU B 59 -2.59 -22.06 -6.64
C LEU B 59 -4.00 -21.48 -6.65
N LEU B 60 -4.75 -21.64 -5.56
CA LEU B 60 -6.06 -21.01 -5.50
C LEU B 60 -5.93 -19.50 -5.45
N ILE B 61 -4.99 -19.00 -4.63
CA ILE B 61 -4.75 -17.57 -4.51
C ILE B 61 -4.27 -16.99 -5.83
N GLN B 62 -3.39 -17.72 -6.54
CA GLN B 62 -3.00 -17.25 -7.87
C GLN B 62 -4.22 -17.11 -8.77
N ALA B 63 -5.12 -18.08 -8.74
CA ALA B 63 -6.29 -18.00 -9.61
C ALA B 63 -7.20 -16.86 -9.17
N CYS B 64 -7.37 -16.68 -7.85
CA CYS B 64 -8.18 -15.58 -7.36
C CYS B 64 -7.64 -14.24 -7.86
N LEU B 65 -6.32 -14.11 -7.93
CA LEU B 65 -5.72 -12.84 -8.36
C LEU B 65 -5.84 -12.66 -9.86
N CYS B 66 -5.81 -13.76 -10.62
CA CYS B 66 -6.11 -13.68 -12.05
C CYS B 66 -7.56 -13.27 -12.28
N GLU B 67 -8.47 -13.76 -11.45
CA GLU B 67 -9.86 -13.31 -11.57
C GLU B 67 -10.00 -11.84 -11.22
N GLU B 68 -9.29 -11.39 -10.18
CA GLU B 68 -9.36 -9.98 -9.82
C GLU B 68 -8.72 -9.11 -10.91
N GLN B 69 -7.57 -9.51 -11.45
CA GLN B 69 -6.96 -8.74 -12.53
C GLN B 69 -7.89 -8.67 -13.74
N LYS B 70 -8.50 -9.79 -14.11
CA LYS B 70 -9.42 -9.77 -15.24
C LYS B 70 -10.58 -8.81 -14.99
N THR B 71 -11.14 -8.83 -13.78
CA THR B 71 -12.31 -8.01 -13.46
C THR B 71 -11.98 -6.52 -13.52
N ILE B 72 -10.86 -6.12 -12.90
CA ILE B 72 -10.48 -4.73 -12.83
C ILE B 72 -10.04 -4.22 -14.21
N GLU B 73 -9.26 -5.03 -14.95
CA GLU B 73 -8.78 -4.58 -16.25
C GLU B 73 -9.94 -4.46 -17.25
N GLU B 74 -10.92 -5.36 -17.19
CA GLU B 74 -12.05 -5.23 -18.09
C GLU B 74 -13.01 -4.11 -17.66
N SER B 75 -13.11 -3.84 -16.36
CA SER B 75 -13.94 -2.73 -15.92
C SER B 75 -13.33 -1.39 -16.35
N ILE B 76 -12.02 -1.22 -16.16
CA ILE B 76 -11.37 0.00 -16.60
C ILE B 76 -11.47 0.16 -18.10
N LEU B 77 -11.08 -0.87 -18.85
CA LEU B 77 -11.00 -0.71 -20.31
C LEU B 77 -12.37 -0.55 -20.96
N ASN B 78 -13.42 -1.07 -20.33
CA ASN B 78 -14.76 -0.83 -20.84
C ASN B 78 -15.19 0.62 -20.63
N GLU B 79 -14.74 1.27 -19.56
CA GLU B 79 -15.06 2.68 -19.40
C GLU B 79 -14.35 3.54 -20.43
N LEU B 80 -13.17 3.11 -20.89
CA LEU B 80 -12.41 3.91 -21.83
C LEU B 80 -12.88 3.71 -23.25
N SER B 81 -13.27 2.48 -23.62
CA SER B 81 -13.75 2.28 -24.97
C SER B 81 -15.14 2.87 -25.18
N LEU B 82 -15.88 3.17 -24.11
CA LEU B 82 -17.11 3.96 -24.26
C LEU B 82 -16.79 5.43 -24.46
N LEU B 83 -15.54 5.81 -24.23
CA LEU B 83 -15.10 7.19 -24.38
C LEU B 83 -14.11 7.33 -25.53
N SER B 84 -14.11 6.38 -26.46
CA SER B 84 -13.20 6.46 -27.61
C SER B 84 -13.47 7.70 -28.45
N GLU B 85 -14.73 8.11 -28.61
CA GLU B 85 -15.04 9.31 -29.39
C GLU B 85 -14.87 10.61 -28.59
N ALA B 86 -14.39 10.52 -27.36
CA ALA B 86 -14.13 11.68 -26.53
C ALA B 86 -12.64 12.03 -26.57
N GLY B 87 -12.28 13.07 -25.83
CA GLY B 87 -10.91 13.53 -25.83
C GLY B 87 -10.03 12.74 -24.89
N ASN B 88 -8.72 13.02 -24.98
CA ASN B 88 -7.75 12.34 -24.13
C ASN B 88 -7.90 12.75 -22.66
N ILE B 89 -8.20 14.03 -22.40
CA ILE B 89 -8.34 14.44 -21.00
C ILE B 89 -9.56 13.77 -20.37
N ALA B 90 -10.66 13.64 -21.13
CA ALA B 90 -11.83 12.94 -20.60
C ALA B 90 -11.52 11.48 -20.29
N ARG B 91 -10.65 10.86 -21.08
CA ARG B 91 -10.33 9.45 -20.87
C ARG B 91 -9.44 9.28 -19.65
N LEU B 92 -8.50 10.21 -19.46
CA LEU B 92 -7.73 10.24 -18.22
C LEU B 92 -8.63 10.52 -17.02
N LYS B 93 -9.61 11.42 -17.18
CA LYS B 93 -10.60 11.67 -16.14
C LYS B 93 -11.32 10.39 -15.76
N ALA B 94 -11.73 9.62 -16.77
CA ALA B 94 -12.42 8.36 -16.56
C ALA B 94 -11.63 7.43 -15.65
N LEU B 95 -10.32 7.27 -15.93
CA LEU B 95 -9.50 6.42 -15.07
C LEU B 95 -9.41 6.97 -13.65
N LEU B 96 -9.23 8.29 -13.52
CA LEU B 96 -9.16 8.88 -12.19
C LEU B 96 -10.46 8.67 -11.43
N ASN B 97 -11.58 8.99 -12.08
CA ASN B 97 -12.90 8.82 -11.46
C ASN B 97 -13.21 7.36 -11.19
N TRP B 98 -12.61 6.45 -11.94
CA TRP B 98 -12.79 5.03 -11.69
C TRP B 98 -12.30 4.66 -10.29
N HIS B 99 -11.15 5.21 -9.87
CA HIS B 99 -10.62 4.95 -8.54
C HIS B 99 -11.51 5.54 -7.46
N VAL B 100 -12.10 6.70 -7.73
CA VAL B 100 -13.05 7.30 -6.79
C VAL B 100 -14.23 6.37 -6.56
N ALA B 101 -14.80 5.83 -7.63
CA ALA B 101 -15.91 4.89 -7.47
C ALA B 101 -15.45 3.61 -6.77
N TYR B 102 -14.26 3.12 -7.13
CA TYR B 102 -13.78 1.85 -6.56
C TYR B 102 -13.62 1.96 -5.04
N ILE B 103 -13.05 3.05 -4.54
CA ILE B 103 -12.86 3.17 -3.10
C ILE B 103 -14.11 3.61 -2.37
N ASN B 104 -15.23 3.76 -3.08
CA ASN B 104 -16.49 4.15 -2.46
C ASN B 104 -17.52 3.04 -2.49
N GLN B 105 -17.17 1.86 -2.98
CA GLN B 105 -18.06 0.72 -2.87
C GLN B 105 -18.25 0.36 -1.40
N GLN B 106 -19.40 -0.26 -1.09
CA GLN B 106 -19.63 -0.74 0.27
C GLN B 106 -18.64 -1.82 0.65
N ASN B 107 -18.22 -2.64 -0.32
CA ASN B 107 -17.36 -3.78 -0.10
C ASN B 107 -15.88 -3.45 -0.25
N PHE B 108 -15.50 -2.17 -0.19
CA PHE B 108 -14.11 -1.79 -0.41
C PHE B 108 -13.23 -2.07 0.80
N ASN B 109 -12.09 -2.71 0.55
CA ASN B 109 -11.15 -3.08 1.61
C ASN B 109 -9.70 -2.95 1.14
N GLY B 110 -9.43 -1.99 0.28
CA GLY B 110 -8.09 -1.83 -0.25
C GLY B 110 -7.91 -2.63 -1.53
N CYS B 111 -6.66 -2.72 -1.93
CA CYS B 111 -6.28 -3.40 -3.15
C CYS B 111 -5.87 -4.83 -2.81
N LEU B 112 -6.48 -5.80 -3.49
CA LEU B 112 -6.18 -7.19 -3.17
C LEU B 112 -4.74 -7.55 -3.51
N PHE B 113 -4.16 -6.88 -4.51
CA PHE B 113 -2.79 -7.22 -4.89
C PHE B 113 -1.81 -6.67 -3.86
N GLN B 114 -2.05 -5.44 -3.36
CA GLN B 114 -1.27 -4.92 -2.25
C GLN B 114 -1.40 -5.83 -1.03
N LYS B 115 -2.63 -6.16 -0.64
CA LYS B 115 -2.86 -7.07 0.50
C LYS B 115 -2.06 -8.36 0.38
N ALA B 116 -2.10 -8.99 -0.81
CA ALA B 116 -1.38 -10.25 -1.00
C ALA B 116 0.11 -10.08 -0.70
N VAL B 117 0.72 -9.02 -1.24
CA VAL B 117 2.16 -8.89 -1.04
C VAL B 117 2.46 -8.63 0.44
N TYR B 118 1.67 -7.76 1.08
CA TYR B 118 1.89 -7.45 2.50
C TYR B 118 1.67 -8.64 3.42
N GLU B 119 0.89 -9.64 2.97
CA GLU B 119 0.68 -10.87 3.71
C GLU B 119 1.74 -11.91 3.36
N ASN B 120 2.77 -11.50 2.64
CA ASN B 120 3.93 -12.32 2.34
C ASN B 120 3.57 -13.48 1.41
N GLU B 121 2.60 -13.26 0.52
CA GLU B 121 2.33 -14.15 -0.61
C GLU B 121 3.33 -13.82 -1.73
N VAL B 122 4.54 -14.36 -1.58
CA VAL B 122 5.63 -13.97 -2.47
C VAL B 122 6.18 -15.16 -3.23
N SER B 123 5.32 -16.14 -3.52
CA SER B 123 5.68 -17.24 -4.43
C SER B 123 5.69 -16.74 -5.87
N GLU B 124 6.35 -17.52 -6.74
CA GLU B 124 6.48 -17.09 -8.13
C GLU B 124 5.12 -17.03 -8.82
N GLU B 125 4.24 -17.97 -8.49
CA GLU B 125 2.89 -17.99 -9.07
C GLU B 125 2.14 -16.70 -8.76
N VAL B 126 2.22 -16.25 -7.51
CA VAL B 126 1.46 -15.07 -7.09
C VAL B 126 2.11 -13.79 -7.60
N LEU B 127 3.42 -13.64 -7.38
CA LEU B 127 4.09 -12.38 -7.77
C LEU B 127 4.03 -12.15 -9.28
N SER B 128 4.04 -13.22 -10.08
CA SER B 128 3.99 -13.02 -11.54
C SER B 128 2.64 -12.47 -11.99
N VAL B 129 1.55 -12.90 -11.36
CA VAL B 129 0.24 -12.32 -11.66
C VAL B 129 0.16 -10.89 -11.14
N ILE B 130 0.42 -10.69 -9.84
CA ILE B 130 0.42 -9.36 -9.21
C ILE B 130 1.20 -8.37 -10.07
N GLN B 131 2.42 -8.75 -10.44
CA GLN B 131 3.29 -7.82 -11.15
C GLN B 131 2.83 -7.57 -12.58
N ALA B 132 2.29 -8.60 -13.25
CA ALA B 132 1.78 -8.41 -14.60
C ALA B 132 0.67 -7.38 -14.62
N HIS B 133 -0.26 -7.49 -13.67
CA HIS B 133 -1.40 -6.57 -13.58
C HIS B 133 -0.95 -5.14 -13.30
N LYS B 134 -0.10 -4.97 -12.28
CA LYS B 134 0.36 -3.63 -11.93
C LYS B 134 1.28 -3.06 -13.01
N GLN B 135 2.04 -3.91 -13.70
CA GLN B 135 2.73 -3.46 -14.89
C GLN B 135 1.73 -2.97 -15.93
N TRP B 136 0.61 -3.69 -16.10
CA TRP B 136 -0.43 -3.27 -17.04
C TRP B 136 -1.01 -1.91 -16.65
N LYS B 137 -1.15 -1.67 -15.35
CA LYS B 137 -1.75 -0.42 -14.89
C LYS B 137 -0.78 0.73 -15.02
N PHE B 138 0.51 0.48 -14.77
CA PHE B 138 1.53 1.52 -14.93
C PHE B 138 1.58 2.00 -16.38
N LYS B 139 1.51 1.06 -17.33
CA LYS B 139 1.53 1.43 -18.75
C LYS B 139 0.28 2.21 -19.16
N LEU B 140 -0.90 1.79 -18.66
CA LEU B 140 -2.13 2.50 -18.99
C LEU B 140 -2.10 3.96 -18.55
N VAL B 141 -1.61 4.21 -17.33
CA VAL B 141 -1.45 5.59 -16.85
C VAL B 141 -0.46 6.34 -17.75
N SER B 142 0.68 5.72 -18.04
CA SER B 142 1.64 6.35 -18.95
C SER B 142 1.01 6.68 -20.30
N ASP B 143 0.23 5.74 -20.85
CA ASP B 143 -0.37 5.97 -22.16
C ASP B 143 -1.45 7.05 -22.12
N LEU B 144 -2.23 7.10 -21.03
CA LEU B 144 -3.31 8.09 -20.94
C LEU B 144 -2.77 9.49 -20.74
N MET B 145 -1.59 9.61 -20.11
CA MET B 145 -0.93 10.89 -19.95
C MET B 145 0.05 11.21 -21.08
N GLU B 146 0.41 10.24 -21.93
CA GLU B 146 1.31 10.46 -23.05
C GLU B 146 0.53 11.02 -24.24
N VAL B 147 0.02 12.24 -24.05
CA VAL B 147 -0.86 12.88 -25.01
C VAL B 147 -0.46 14.35 -25.13
N PRO B 148 -0.80 14.99 -26.26
CA PRO B 148 -0.51 16.43 -26.38
C PRO B 148 -1.32 17.30 -25.44
N GLU B 149 -2.50 16.85 -24.99
CA GLU B 149 -3.37 17.66 -24.15
C GLU B 149 -2.92 17.70 -22.69
N CYS B 150 -1.87 16.96 -22.33
CA CYS B 150 -1.39 16.90 -20.95
C CYS B 150 -0.17 17.82 -20.76
N ALA B 153 2.19 17.76 -17.85
CA ALA B 153 2.33 18.89 -16.93
C ALA B 153 3.55 18.72 -16.02
N PHE B 154 3.53 19.33 -14.84
CA PHE B 154 4.60 19.18 -13.85
C PHE B 154 4.49 17.88 -13.08
N VAL B 155 3.60 17.00 -13.51
CA VAL B 155 3.32 15.73 -12.84
C VAL B 155 3.60 14.61 -13.83
N SER B 156 4.46 13.68 -13.46
CA SER B 156 4.75 12.58 -14.36
C SER B 156 3.74 11.46 -14.15
N SER B 157 3.68 10.55 -15.13
CA SER B 157 2.81 9.39 -15.02
C SER B 157 3.24 8.47 -13.90
N SER B 158 4.54 8.41 -13.62
CA SER B 158 4.98 7.57 -12.50
C SER B 158 4.47 8.13 -11.18
N MET B 159 4.48 9.46 -11.04
CA MET B 159 3.86 10.10 -9.87
C MET B 159 2.37 9.80 -9.78
N VAL B 160 1.66 9.86 -10.91
CA VAL B 160 0.22 9.62 -10.90
C VAL B 160 -0.08 8.16 -10.52
N TYR B 161 0.61 7.20 -11.16
CA TYR B 161 0.49 5.81 -10.77
C TYR B 161 0.65 5.63 -9.26
N SER B 162 1.68 6.22 -8.69
CA SER B 162 1.93 5.99 -7.27
C SER B 162 0.82 6.60 -6.43
N MET B 163 0.32 7.77 -6.83
CA MET B 163 -0.79 8.38 -6.11
C MET B 163 -2.05 7.53 -6.20
N LEU B 164 -2.34 6.99 -7.39
CA LEU B 164 -3.44 6.03 -7.51
C LEU B 164 -3.23 4.80 -6.63
N GLU B 165 -2.00 4.31 -6.55
CA GLU B 165 -1.74 3.15 -5.69
C GLU B 165 -1.97 3.50 -4.23
N GLY B 166 -1.49 4.67 -3.80
CA GLY B 166 -1.66 5.06 -2.42
C GLY B 166 -3.11 5.33 -2.06
N MET B 167 -3.91 5.81 -3.00
CA MET B 167 -5.32 6.02 -2.71
C MET B 167 -6.10 4.73 -2.56
N LEU B 168 -5.51 3.59 -2.89
CA LEU B 168 -6.19 2.32 -2.72
C LEU B 168 -5.91 1.69 -1.37
N LEU B 169 -5.17 2.36 -0.48
CA LEU B 169 -4.93 1.81 0.84
C LEU B 169 -6.24 1.74 1.62
N PRO B 170 -6.39 0.75 2.51
CA PRO B 170 -7.60 0.70 3.36
C PRO B 170 -7.87 2.03 4.05
N ALA B 171 -9.14 2.40 4.14
CA ALA B 171 -9.49 3.72 4.66
C ALA B 171 -9.04 3.92 6.11
N ASN B 172 -9.09 2.86 6.93
CA ASN B 172 -8.80 3.04 8.34
C ASN B 172 -7.32 3.26 8.65
N ILE B 173 -6.44 3.24 7.65
CA ILE B 173 -5.05 3.62 7.90
C ILE B 173 -4.95 5.11 8.25
N ASN B 174 -5.88 5.92 7.76
CA ASN B 174 -5.98 7.34 8.07
C ASN B 174 -7.33 7.83 7.57
N PRO B 175 -8.39 7.71 8.37
CA PRO B 175 -9.73 8.02 7.86
C PRO B 175 -9.96 9.50 7.58
N CYS B 176 -8.97 10.35 7.83
CA CYS B 176 -9.12 11.77 7.56
C CYS B 176 -8.65 12.16 6.16
N VAL B 177 -8.08 11.24 5.38
CA VAL B 177 -7.67 11.57 4.02
C VAL B 177 -8.86 11.44 3.10
N ASP B 178 -9.21 12.53 2.42
CA ASP B 178 -10.33 12.57 1.49
C ASP B 178 -9.72 12.44 0.09
N HIS B 179 -9.70 11.22 -0.43
CA HIS B 179 -9.08 10.98 -1.73
C HIS B 179 -9.90 11.60 -2.85
N GLU B 180 -11.22 11.59 -2.72
CA GLU B 180 -12.09 12.13 -3.75
C GLU B 180 -11.77 13.60 -4.01
N THR B 181 -11.61 14.39 -2.95
CA THR B 181 -11.23 15.79 -3.12
C THR B 181 -9.85 15.91 -3.76
N ALA B 182 -8.90 15.06 -3.36
CA ALA B 182 -7.60 15.09 -4.02
C ALA B 182 -7.75 14.87 -5.52
N ILE B 183 -8.60 13.91 -5.92
CA ILE B 183 -8.74 13.57 -7.33
C ILE B 183 -9.42 14.71 -8.08
N LYS B 184 -10.49 15.26 -7.50
CA LYS B 184 -11.18 16.40 -8.11
C LYS B 184 -10.21 17.52 -8.44
N ASN B 185 -9.36 17.89 -7.49
CA ASN B 185 -8.39 18.95 -7.74
C ASN B 185 -7.40 18.54 -8.81
N LEU B 186 -6.89 17.31 -8.75
CA LEU B 186 -5.98 16.82 -9.79
C LEU B 186 -6.66 16.83 -11.16
N ILE B 187 -7.95 16.46 -11.22
CA ILE B 187 -8.67 16.51 -12.49
C ILE B 187 -8.71 17.94 -13.00
N GLN B 188 -8.86 18.90 -12.09
CA GLN B 188 -8.95 20.30 -12.50
C GLN B 188 -7.60 20.90 -12.89
N THR B 189 -6.49 20.39 -12.34
CA THR B 189 -5.19 20.81 -12.86
C THR B 189 -4.99 20.35 -14.30
N PHE B 190 -5.54 19.18 -14.67
CA PHE B 190 -5.46 18.72 -16.06
C PHE B 190 -6.42 19.46 -16.99
N GLU B 191 -7.25 20.37 -16.44
CA GLU B 191 -8.16 21.23 -17.19
C GLU B 191 -9.39 20.48 -17.68
N ALA B 192 -10.17 19.93 -16.73
CA ALA B 192 -11.47 19.33 -17.05
C ALA B 192 -12.33 19.17 -15.79
#